data_4NC6
#
_entry.id   4NC6
#
_cell.length_a   43.150
_cell.length_b   51.390
_cell.length_c   132.220
_cell.angle_alpha   90.00
_cell.angle_beta   90.00
_cell.angle_gamma   90.00
#
_symmetry.space_group_name_H-M   'P 21 21 21'
#
loop_
_entity.id
_entity.type
_entity.pdbx_description
1 polymer 'Rab GTPase-activating protein 1'
2 non-polymer 'ACETATE ION'
3 non-polymer 'CHLORIDE ION'
4 water water
#
_entity_poly.entity_id   1
_entity_poly.type   'polypeptide(L)'
_entity_poly.pdbx_seq_one_letter_code
;KILETWGELLSKWHLNLNVRPKQLSSLVRNGVPEALRGEVWQLLAGCHNNDHLVEKYRILITKESPQDSAITRDINRTFP
AHDYFKDTGGDGQDSLYKICKAYSVYDEEIGYCQGQSFLAAVLLLHMPEEQAFSVLVKIMFDYGLRELFKQNFEDLHCKF
YQLERLMQEYIPDLYNHFLDISLEAHMYASQWFLTLFTAKFPLYMVFHIIDLLLCEGISVIFNVALGLLKTSKDDLLLTD
FEGALKFFRVQLPKRYRSEENAKKLMELACNMKISQKKLKKYEKEYHTMREQQAQQEDPIERFERENRRLQEAN
;
_entity_poly.pdbx_strand_id   A
#
# COMPACT_ATOMS: atom_id res chain seq x y z
N GLU A 4 13.60 20.85 -7.17
CA GLU A 4 12.82 21.15 -8.41
C GLU A 4 11.85 22.40 -8.31
N THR A 5 10.85 22.35 -9.20
CA THR A 5 9.47 22.62 -8.77
C THR A 5 9.27 22.08 -7.30
N TRP A 6 9.79 20.89 -6.99
CA TRP A 6 9.67 20.30 -5.62
C TRP A 6 10.30 21.13 -4.55
N GLY A 7 11.49 21.63 -4.84
CA GLY A 7 12.19 22.50 -3.90
C GLY A 7 11.42 23.73 -3.51
N GLU A 8 10.82 24.37 -4.52
CA GLU A 8 9.99 25.57 -4.29
C GLU A 8 8.74 25.16 -3.51
N LEU A 9 8.19 24.00 -3.83
CA LEU A 9 6.98 23.56 -3.18
C LEU A 9 7.20 23.30 -1.69
N LEU A 10 8.29 22.62 -1.37
CA LEU A 10 8.67 22.35 0.02
C LEU A 10 8.95 23.63 0.83
N SER A 11 9.62 24.62 0.21
CA SER A 11 9.75 25.90 0.87
C SER A 11 8.41 26.51 1.20
N LYS A 12 7.50 26.46 0.23
CA LYS A 12 6.17 27.00 0.44
C LYS A 12 5.43 26.25 1.55
N TRP A 13 5.48 24.91 1.49
CA TRP A 13 4.85 24.10 2.49
C TRP A 13 5.38 24.43 3.92
N HIS A 14 6.68 24.61 4.06
CA HIS A 14 7.25 24.83 5.38
CA HIS A 14 7.37 24.90 5.35
C HIS A 14 6.84 26.17 5.99
N LEU A 15 6.21 27.07 5.21
CA LEU A 15 5.65 28.29 5.76
C LEU A 15 4.39 28.01 6.52
N ASN A 16 3.73 26.90 6.18
CA ASN A 16 2.47 26.52 6.83
C ASN A 16 2.29 24.99 6.69
N LEU A 17 2.88 24.24 7.65
CA LEU A 17 2.90 22.78 7.59
C LEU A 17 1.48 22.27 7.78
N ASN A 18 0.53 23.10 8.24
CA ASN A 18 -0.81 22.62 8.50
C ASN A 18 -1.63 22.45 7.24
N VAL A 19 -1.21 23.06 6.15
CA VAL A 19 -2.00 23.06 4.93
C VAL A 19 -1.16 22.64 3.73
N ARG A 20 -1.66 21.68 2.98
CA ARG A 20 -0.93 21.24 1.77
C ARG A 20 -1.06 22.31 0.70
N PRO A 21 0.07 22.71 0.07
CA PRO A 21 0.00 23.63 -1.06
C PRO A 21 -0.90 23.14 -2.17
N LYS A 22 -1.59 24.05 -2.85
CA LYS A 22 -2.55 23.69 -3.89
CA LYS A 22 -2.54 23.71 -3.89
C LYS A 22 -1.95 22.81 -4.98
N GLN A 23 -0.70 22.98 -5.36
CA GLN A 23 -0.25 22.17 -6.51
CA GLN A 23 -0.18 22.20 -6.50
C GLN A 23 0.33 20.80 -6.08
N LEU A 24 0.26 20.50 -4.79
CA LEU A 24 0.86 19.23 -4.32
C LEU A 24 0.31 18.00 -4.98
N SER A 25 -1.03 17.87 -5.06
CA SER A 25 -1.62 16.62 -5.55
C SER A 25 -1.12 16.38 -6.99
N SER A 26 -1.01 17.42 -7.80
CA SER A 26 -0.56 17.26 -9.19
CA SER A 26 -0.56 17.22 -9.18
C SER A 26 0.90 16.86 -9.26
N LEU A 27 1.72 17.39 -8.37
CA LEU A 27 3.13 17.03 -8.36
C LEU A 27 3.36 15.60 -7.86
N VAL A 28 2.59 15.21 -6.85
CA VAL A 28 2.63 13.82 -6.35
C VAL A 28 2.26 12.80 -7.43
N ARG A 29 1.28 13.12 -8.27
CA ARG A 29 0.84 12.25 -9.33
C ARG A 29 2.00 11.84 -10.28
N ASN A 30 2.93 12.75 -10.52
CA ASN A 30 4.08 12.45 -11.28
C ASN A 30 5.21 11.73 -10.58
N GLY A 31 5.07 11.53 -9.28
CA GLY A 31 6.07 10.77 -8.55
C GLY A 31 6.96 11.68 -7.71
N VAL A 32 7.12 11.36 -6.43
CA VAL A 32 7.98 12.15 -5.51
C VAL A 32 9.43 11.75 -5.70
N PRO A 33 10.38 12.72 -5.75
CA PRO A 33 11.76 12.29 -5.95
C PRO A 33 12.23 11.45 -4.79
N GLU A 34 13.02 10.42 -5.10
CA GLU A 34 13.55 9.53 -4.07
C GLU A 34 14.15 10.18 -2.88
N ALA A 35 15.01 11.18 -3.11
CA ALA A 35 15.63 11.85 -1.97
C ALA A 35 14.70 12.74 -1.14
N LEU A 36 13.51 13.12 -1.64
CA LEU A 36 12.58 13.95 -0.91
C LEU A 36 11.46 13.07 -0.26
N ARG A 37 11.39 11.79 -0.51
CA ARG A 37 10.28 11.01 0.00
C ARG A 37 10.29 10.89 1.47
N GLY A 38 11.45 10.72 2.09
CA GLY A 38 11.43 10.74 3.57
C GLY A 38 10.71 11.90 4.21
N GLU A 39 11.02 13.13 3.78
CA GLU A 39 10.32 14.29 4.28
C GLU A 39 8.86 14.38 3.82
N VAL A 40 8.64 14.21 2.51
CA VAL A 40 7.34 14.38 1.94
C VAL A 40 6.31 13.38 2.47
N TRP A 41 6.72 12.11 2.60
CA TRP A 41 5.83 11.13 3.18
C TRP A 41 5.41 11.47 4.60
N GLN A 42 6.34 11.96 5.42
CA GLN A 42 6.00 12.41 6.76
C GLN A 42 5.02 13.58 6.79
N LEU A 43 5.26 14.55 5.92
CA LEU A 43 4.39 15.68 5.84
C LEU A 43 2.99 15.27 5.33
N LEU A 44 2.92 14.40 4.31
CA LEU A 44 1.63 13.91 3.78
C LEU A 44 0.81 13.27 4.87
N ALA A 45 1.48 12.41 5.69
CA ALA A 45 0.86 11.69 6.76
C ALA A 45 0.55 12.55 8.00
N GLY A 46 1.06 13.79 8.04
CA GLY A 46 0.75 14.72 9.12
C GLY A 46 1.61 14.48 10.37
N CYS A 47 2.74 13.82 10.21
CA CYS A 47 3.70 13.80 11.31
C CYS A 47 4.97 14.60 11.02
N HIS A 48 5.18 15.68 11.75
N HIS A 48 5.21 15.59 11.85
CA HIS A 48 6.47 16.37 11.66
CA HIS A 48 6.42 16.36 11.71
C HIS A 48 6.94 16.60 13.07
C HIS A 48 6.94 16.61 13.09
N ASN A 49 8.01 15.91 13.43
CA ASN A 49 8.49 15.98 14.77
C ASN A 49 7.31 15.57 15.68
N ASN A 50 6.74 14.35 15.45
CA ASN A 50 5.76 13.70 16.39
C ASN A 50 6.44 13.08 17.61
N ASP A 51 6.73 13.93 18.56
CA ASP A 51 7.61 13.57 19.64
C ASP A 51 7.08 12.41 20.48
N HIS A 52 5.75 12.31 20.62
CA HIS A 52 5.08 11.37 21.56
C HIS A 52 5.28 9.92 21.12
N LEU A 53 5.03 9.70 19.85
CA LEU A 53 5.17 8.40 19.25
C LEU A 53 6.66 7.99 19.33
N VAL A 54 7.57 8.92 19.06
CA VAL A 54 9.02 8.62 19.17
C VAL A 54 9.40 8.28 20.62
N GLU A 55 8.79 8.98 21.56
CA GLU A 55 9.06 8.66 22.99
C GLU A 55 8.57 7.25 23.37
N LYS A 56 7.37 6.91 22.91
CA LYS A 56 6.77 5.62 23.11
C LYS A 56 7.65 4.55 22.44
N TYR A 57 8.09 4.83 21.21
CA TYR A 57 8.87 3.85 20.42
C TYR A 57 10.13 3.45 21.22
N ARG A 58 10.76 4.44 21.84
CA ARG A 58 12.00 4.15 22.56
C ARG A 58 11.79 3.18 23.74
N ILE A 59 10.60 3.21 24.33
CA ILE A 59 10.20 2.26 25.34
C ILE A 59 9.75 0.92 24.74
N LEU A 60 8.96 1.00 23.69
CA LEU A 60 8.43 -0.17 23.06
C LEU A 60 9.56 -1.12 22.67
N ILE A 61 10.69 -0.60 22.18
CA ILE A 61 11.77 -1.45 21.73
C ILE A 61 12.51 -2.22 22.81
N THR A 62 12.21 -1.90 24.06
CA THR A 62 12.73 -2.66 25.18
C THR A 62 11.83 -3.80 25.55
N LYS A 63 10.67 -3.95 24.90
CA LYS A 63 9.74 -5.01 25.28
C LYS A 63 9.86 -6.20 24.32
N GLU A 64 9.53 -7.37 24.85
CA GLU A 64 9.42 -8.60 24.06
C GLU A 64 8.21 -8.65 23.13
N SER A 65 8.33 -9.32 21.99
CA SER A 65 7.16 -9.41 21.08
C SER A 65 6.54 -10.78 21.27
N PRO A 66 5.22 -10.87 21.42
CA PRO A 66 4.66 -12.23 21.38
C PRO A 66 4.63 -12.84 19.98
N GLN A 67 4.98 -12.07 18.94
CA GLN A 67 5.01 -12.57 17.55
C GLN A 67 6.40 -12.65 16.96
N ASP A 68 7.38 -12.94 17.78
CA ASP A 68 8.75 -13.17 17.21
C ASP A 68 8.88 -14.05 15.98
N SER A 69 8.17 -15.15 15.95
CA SER A 69 8.32 -16.14 14.91
C SER A 69 7.74 -15.67 13.58
N ALA A 70 6.53 -15.13 13.57
CA ALA A 70 5.95 -14.55 12.42
C ALA A 70 6.81 -13.42 11.90
N ILE A 71 7.28 -12.58 12.79
CA ILE A 71 8.09 -11.43 12.36
C ILE A 71 9.39 -11.83 11.72
N THR A 72 10.14 -12.73 12.35
CA THR A 72 11.34 -13.30 11.77
C THR A 72 11.11 -13.92 10.40
N ARG A 73 10.07 -14.74 10.26
CA ARG A 73 9.74 -15.38 8.97
CA ARG A 73 9.76 -15.36 8.98
C ARG A 73 9.52 -14.32 7.93
N ASP A 74 8.69 -13.29 8.23
CA ASP A 74 8.41 -12.25 7.25
C ASP A 74 9.68 -11.48 6.88
N ILE A 75 10.45 -11.08 7.89
CA ILE A 75 11.70 -10.33 7.61
C ILE A 75 12.69 -11.10 6.70
N ASN A 76 12.82 -12.39 6.90
CA ASN A 76 13.66 -13.23 6.03
C ASN A 76 13.23 -13.22 4.57
N ARG A 77 11.98 -12.85 4.27
CA ARG A 77 11.47 -12.81 2.90
CA ARG A 77 11.51 -12.81 2.88
C ARG A 77 11.34 -11.36 2.42
N THR A 78 11.76 -10.39 3.25
CA THR A 78 11.56 -8.96 2.95
C THR A 78 12.79 -8.38 2.30
N PHE A 79 12.72 -8.21 1.00
CA PHE A 79 13.81 -7.70 0.17
C PHE A 79 15.24 -8.16 0.61
N PRO A 80 15.43 -9.48 0.82
CA PRO A 80 16.65 -9.99 1.39
C PRO A 80 17.87 -9.86 0.52
N ALA A 81 17.70 -9.59 -0.77
CA ALA A 81 18.83 -9.36 -1.65
C ALA A 81 19.19 -7.91 -1.76
N HIS A 82 18.31 -7.04 -1.32
CA HIS A 82 18.53 -5.60 -1.46
C HIS A 82 19.80 -5.15 -0.69
N ASP A 83 20.54 -4.17 -1.23
CA ASP A 83 21.83 -3.80 -0.65
C ASP A 83 21.69 -3.34 0.77
N TYR A 84 20.60 -2.67 1.09
CA TYR A 84 20.39 -2.15 2.44
C TYR A 84 20.04 -3.22 3.48
N PHE A 85 19.40 -4.33 3.03
CA PHE A 85 18.90 -5.38 3.92
C PHE A 85 19.68 -6.71 3.89
N LYS A 86 20.60 -6.88 2.94
CA LYS A 86 21.27 -8.18 2.68
C LYS A 86 22.22 -8.59 3.80
N ASP A 87 22.85 -7.64 4.45
CA ASP A 87 23.74 -7.94 5.61
C ASP A 87 22.86 -8.21 6.84
N THR A 88 22.78 -9.45 7.32
CA THR A 88 21.90 -9.77 8.46
C THR A 88 22.27 -9.03 9.76
N GLY A 89 23.50 -8.54 9.86
CA GLY A 89 23.96 -7.69 10.98
C GLY A 89 23.94 -6.18 10.72
N GLY A 90 23.41 -5.79 9.56
CA GLY A 90 23.39 -4.41 9.20
C GLY A 90 22.36 -3.62 9.93
N ASP A 91 22.50 -2.31 9.85
CA ASP A 91 21.56 -1.46 10.49
C ASP A 91 20.13 -1.58 9.93
N GLY A 92 20.00 -1.83 8.63
CA GLY A 92 18.68 -1.95 8.05
C GLY A 92 17.86 -3.06 8.65
N GLN A 93 18.45 -4.24 8.69
CA GLN A 93 17.81 -5.41 9.26
CA GLN A 93 17.75 -5.37 9.22
C GLN A 93 17.44 -5.19 10.71
N ASP A 94 18.37 -4.59 11.45
CA ASP A 94 18.18 -4.35 12.89
C ASP A 94 16.94 -3.45 13.10
N SER A 95 16.90 -2.37 12.35
CA SER A 95 15.81 -1.37 12.42
C SER A 95 14.48 -2.01 12.04
N LEU A 96 14.48 -2.80 11.00
CA LEU A 96 13.31 -3.50 10.53
C LEU A 96 12.71 -4.41 11.62
N TYR A 97 13.55 -5.21 12.28
CA TYR A 97 13.07 -6.00 13.40
C TYR A 97 12.48 -5.14 14.51
N LYS A 98 13.18 -4.09 14.90
CA LYS A 98 12.71 -3.26 15.98
C LYS A 98 11.32 -2.62 15.68
N ILE A 99 11.15 -2.10 14.49
CA ILE A 99 9.89 -1.48 14.07
C ILE A 99 8.76 -2.46 14.12
N CYS A 100 9.03 -3.66 13.58
CA CYS A 100 7.96 -4.69 13.51
C CYS A 100 7.60 -5.16 14.93
N LYS A 101 8.63 -5.45 15.74
CA LYS A 101 8.36 -5.83 17.15
C LYS A 101 7.65 -4.74 17.92
N ALA A 102 8.11 -3.52 17.78
CA ALA A 102 7.46 -2.39 18.45
C ALA A 102 5.99 -2.24 18.07
N TYR A 103 5.70 -2.38 16.79
CA TYR A 103 4.32 -2.35 16.32
C TYR A 103 3.42 -3.43 16.98
N SER A 104 3.96 -4.62 17.11
CA SER A 104 3.26 -5.73 17.68
C SER A 104 2.89 -5.44 19.09
N VAL A 105 3.71 -4.68 19.80
CA VAL A 105 3.43 -4.29 21.16
C VAL A 105 2.53 -3.08 21.31
N TYR A 106 2.68 -2.12 20.40
CA TYR A 106 1.84 -0.91 20.28
C TYR A 106 0.38 -1.20 20.00
N ASP A 107 0.10 -2.09 19.03
CA ASP A 107 -1.25 -2.39 18.69
C ASP A 107 -1.63 -3.65 19.42
N GLU A 108 -2.16 -3.48 20.62
CA GLU A 108 -2.42 -4.60 21.50
C GLU A 108 -3.57 -5.42 20.94
N GLU A 109 -4.53 -4.76 20.32
CA GLU A 109 -5.72 -5.43 19.88
C GLU A 109 -5.41 -6.39 18.75
N ILE A 110 -4.62 -6.00 17.75
CA ILE A 110 -4.40 -6.73 16.51
CA ILE A 110 -4.40 -6.94 16.69
C ILE A 110 -2.97 -7.36 16.44
N GLY A 111 -1.98 -6.63 16.89
CA GLY A 111 -0.61 -7.07 16.77
C GLY A 111 -0.01 -6.80 15.39
N TYR A 112 1.14 -7.41 15.17
CA TYR A 112 1.83 -7.43 13.91
C TYR A 112 0.99 -8.19 12.87
N CYS A 113 0.82 -7.59 11.71
CA CYS A 113 0.06 -8.10 10.60
C CYS A 113 0.95 -8.71 9.55
N GLN A 114 0.56 -9.87 9.05
CA GLN A 114 1.32 -10.57 7.99
C GLN A 114 1.60 -9.58 6.87
N GLY A 115 2.86 -9.51 6.45
CA GLY A 115 3.27 -8.66 5.39
C GLY A 115 3.67 -7.28 5.78
N GLN A 116 3.47 -6.91 7.02
CA GLN A 116 3.75 -5.54 7.43
C GLN A 116 5.23 -5.13 7.32
N SER A 117 6.11 -6.15 7.39
CA SER A 117 7.54 -5.95 7.24
C SER A 117 7.90 -5.34 5.89
N PHE A 118 7.18 -5.68 4.82
CA PHE A 118 7.46 -5.11 3.53
C PHE A 118 7.17 -3.58 3.52
N LEU A 119 6.08 -3.18 4.12
CA LEU A 119 5.71 -1.82 4.21
C LEU A 119 6.74 -1.07 5.11
N ALA A 120 7.03 -1.64 6.26
CA ALA A 120 8.06 -1.08 7.14
C ALA A 120 9.42 -0.85 6.40
N ALA A 121 9.79 -1.82 5.61
CA ALA A 121 11.02 -1.74 4.84
C ALA A 121 11.01 -0.64 3.79
N VAL A 122 9.84 -0.46 3.13
CA VAL A 122 9.67 0.64 2.18
C VAL A 122 9.91 2.00 2.86
N LEU A 123 9.36 2.15 4.06
CA LEU A 123 9.51 3.37 4.81
C LEU A 123 10.96 3.56 5.25
N LEU A 124 11.60 2.50 5.74
CA LEU A 124 13.02 2.59 6.18
C LEU A 124 13.95 2.87 5.06
N LEU A 125 13.56 2.54 3.82
CA LEU A 125 14.36 2.93 2.67
C LEU A 125 14.44 4.48 2.37
N HIS A 126 13.57 5.20 3.01
CA HIS A 126 13.44 6.64 2.80
C HIS A 126 13.56 7.52 4.03
N MET A 127 13.41 7.01 5.22
CA MET A 127 13.55 7.85 6.43
C MET A 127 14.12 7.04 7.57
N PRO A 128 14.62 7.74 8.63
CA PRO A 128 15.15 7.00 9.74
C PRO A 128 14.13 6.11 10.51
N GLU A 129 14.68 5.17 11.24
CA GLU A 129 13.91 4.23 12.02
C GLU A 129 12.77 4.82 12.81
N GLU A 130 13.03 5.80 13.67
CA GLU A 130 11.98 6.32 14.54
C GLU A 130 10.80 6.97 13.75
N GLN A 131 11.13 7.61 12.67
CA GLN A 131 10.15 8.23 11.78
C GLN A 131 9.37 7.19 10.99
N ALA A 132 10.05 6.15 10.55
CA ALA A 132 9.43 5.03 9.84
C ALA A 132 8.38 4.34 10.74
N PHE A 133 8.72 4.10 12.00
CA PHE A 133 7.68 3.61 12.97
C PHE A 133 6.42 4.55 13.02
N SER A 134 6.64 5.85 13.16
CA SER A 134 5.58 6.86 13.25
CA SER A 134 5.59 6.86 13.24
C SER A 134 4.70 6.77 12.03
N VAL A 135 5.33 6.77 10.85
CA VAL A 135 4.52 6.70 9.60
C VAL A 135 3.76 5.38 9.49
N LEU A 136 4.43 4.29 9.86
CA LEU A 136 3.77 3.00 9.87
C LEU A 136 2.50 3.00 10.72
N VAL A 137 2.63 3.53 11.94
CA VAL A 137 1.43 3.70 12.79
C VAL A 137 0.35 4.50 12.10
N LYS A 138 0.72 5.62 11.47
CA LYS A 138 -0.32 6.46 10.81
C LYS A 138 -1.00 5.70 9.67
N ILE A 139 -0.24 4.89 8.95
CA ILE A 139 -0.82 4.13 7.82
C ILE A 139 -1.81 3.11 8.41
N MET A 140 -1.39 2.44 9.47
CA MET A 140 -2.23 1.36 10.08
C MET A 140 -3.46 1.91 10.71
N PHE A 141 -3.29 2.95 11.51
CA PHE A 141 -4.41 3.55 12.25
C PHE A 141 -5.15 4.66 11.47
N ASP A 142 -4.50 5.77 11.13
CA ASP A 142 -5.15 6.92 10.49
C ASP A 142 -5.65 6.60 9.09
N TYR A 143 -4.84 6.01 8.22
CA TYR A 143 -5.27 5.66 6.88
C TYR A 143 -6.16 4.42 6.81
N GLY A 144 -6.05 3.60 7.85
CA GLY A 144 -6.98 2.50 8.11
C GLY A 144 -6.62 1.14 7.64
N LEU A 145 -5.34 0.90 7.40
CA LEU A 145 -4.94 -0.44 7.01
C LEU A 145 -5.27 -1.51 7.99
N ARG A 146 -5.10 -1.26 9.26
CA ARG A 146 -5.43 -2.30 10.27
C ARG A 146 -6.84 -2.72 10.25
N GLU A 147 -7.75 -1.89 9.75
CA GLU A 147 -9.18 -2.32 9.68
C GLU A 147 -9.43 -3.54 8.81
N LEU A 148 -8.59 -3.77 7.82
CA LEU A 148 -8.80 -4.89 6.93
C LEU A 148 -8.60 -6.22 7.67
N PHE A 149 -7.85 -6.20 8.79
CA PHE A 149 -7.49 -7.41 9.58
C PHE A 149 -8.48 -7.74 10.73
N LYS A 150 -9.46 -6.87 11.02
CA LYS A 150 -10.43 -7.11 12.04
C LYS A 150 -11.49 -8.06 11.55
N GLN A 151 -12.18 -8.66 12.50
CA GLN A 151 -13.37 -9.41 12.27
C GLN A 151 -13.17 -10.42 11.12
N ASN A 152 -12.14 -11.24 11.24
CA ASN A 152 -11.86 -12.31 10.25
C ASN A 152 -11.91 -11.74 8.82
N PHE A 153 -11.31 -10.56 8.67
CA PHE A 153 -11.11 -9.89 7.39
C PHE A 153 -12.35 -9.35 6.70
N GLU A 154 -13.42 -9.11 7.47
CA GLU A 154 -14.71 -8.66 6.94
C GLU A 154 -14.56 -7.43 6.01
N ASP A 155 -13.74 -6.45 6.39
CA ASP A 155 -13.58 -5.23 5.58
C ASP A 155 -12.84 -5.56 4.32
N LEU A 156 -11.88 -6.51 4.38
CA LEU A 156 -11.23 -6.98 3.12
C LEU A 156 -12.27 -7.55 2.13
N HIS A 157 -13.17 -8.42 2.63
CA HIS A 157 -14.23 -9.01 1.85
C HIS A 157 -15.06 -7.94 1.19
N CYS A 158 -15.32 -6.86 1.94
CA CYS A 158 -15.97 -5.67 1.39
C CYS A 158 -15.23 -5.06 0.23
N LYS A 159 -13.92 -4.89 0.38
CA LYS A 159 -13.12 -4.39 -0.73
C LYS A 159 -13.14 -5.32 -1.96
N PHE A 160 -13.12 -6.64 -1.76
CA PHE A 160 -13.24 -7.53 -2.89
C PHE A 160 -14.55 -7.33 -3.68
N TYR A 161 -15.63 -7.14 -2.96
CA TYR A 161 -16.94 -6.89 -3.53
C TYR A 161 -16.92 -5.60 -4.28
N GLN A 162 -16.41 -4.56 -3.65
CA GLN A 162 -16.25 -3.28 -4.32
C GLN A 162 -15.41 -3.33 -5.60
N LEU A 163 -14.29 -4.06 -5.56
CA LEU A 163 -13.41 -4.21 -6.76
C LEU A 163 -14.21 -4.88 -7.85
N GLU A 164 -14.93 -5.94 -7.53
CA GLU A 164 -15.69 -6.64 -8.58
C GLU A 164 -16.83 -5.79 -9.19
N ARG A 165 -17.52 -4.99 -8.36
CA ARG A 165 -18.55 -4.08 -8.90
C ARG A 165 -17.92 -3.04 -9.85
N LEU A 166 -16.77 -2.51 -9.46
CA LEU A 166 -15.99 -1.56 -10.29
C LEU A 166 -15.51 -2.22 -11.59
N MET A 167 -15.10 -3.48 -11.52
CA MET A 167 -14.72 -4.17 -12.74
C MET A 167 -15.93 -4.37 -13.66
N GLN A 168 -17.09 -4.68 -13.08
CA GLN A 168 -18.33 -4.92 -13.89
C GLN A 168 -18.58 -3.65 -14.70
N GLU A 169 -18.30 -2.51 -14.05
CA GLU A 169 -18.54 -1.21 -14.61
C GLU A 169 -17.47 -0.72 -15.59
N TYR A 170 -16.19 -0.91 -15.28
CA TYR A 170 -15.10 -0.30 -16.01
C TYR A 170 -14.28 -1.26 -16.87
N ILE A 171 -14.41 -2.56 -16.56
CA ILE A 171 -13.69 -3.61 -17.29
C ILE A 171 -14.65 -4.79 -17.53
N PRO A 172 -15.81 -4.52 -18.19
CA PRO A 172 -16.91 -5.49 -18.25
C PRO A 172 -16.57 -6.81 -18.85
N ASP A 173 -15.69 -6.78 -19.84
CA ASP A 173 -15.24 -8.01 -20.55
C ASP A 173 -14.47 -8.94 -19.63
N LEU A 174 -13.57 -8.35 -18.85
CA LEU A 174 -12.81 -9.09 -17.88
C LEU A 174 -13.65 -9.63 -16.72
N TYR A 175 -14.56 -8.79 -16.21
CA TYR A 175 -15.56 -9.24 -15.22
C TYR A 175 -16.38 -10.45 -15.68
N ASN A 176 -16.88 -10.37 -16.90
CA ASN A 176 -17.62 -11.45 -17.51
C ASN A 176 -16.83 -12.73 -17.61
N HIS A 177 -15.58 -12.64 -18.07
CA HIS A 177 -14.73 -13.80 -18.17
C HIS A 177 -14.42 -14.43 -16.86
N PHE A 178 -14.19 -13.60 -15.87
CA PHE A 178 -13.89 -14.12 -14.51
C PHE A 178 -15.12 -14.78 -13.92
N LEU A 179 -16.31 -14.24 -14.22
CA LEU A 179 -17.54 -14.99 -13.87
C LEU A 179 -17.58 -16.35 -14.56
N ASP A 180 -17.32 -16.38 -15.87
CA ASP A 180 -17.38 -17.61 -16.63
C ASP A 180 -16.45 -18.71 -16.08
N ILE A 181 -15.26 -18.31 -15.59
CA ILE A 181 -14.29 -19.28 -15.06
C ILE A 181 -14.29 -19.36 -13.52
N SER A 182 -15.25 -18.70 -12.90
CA SER A 182 -15.43 -18.66 -11.44
C SER A 182 -14.19 -18.27 -10.65
N LEU A 183 -13.57 -17.18 -11.09
CA LEU A 183 -12.39 -16.66 -10.47
C LEU A 183 -12.79 -15.39 -9.72
N GLU A 184 -12.75 -15.47 -8.40
CA GLU A 184 -13.14 -14.36 -7.55
C GLU A 184 -11.94 -13.61 -7.02
N ALA A 185 -12.16 -12.36 -6.71
CA ALA A 185 -11.08 -11.47 -6.35
C ALA A 185 -10.23 -11.92 -5.18
N HIS A 186 -10.81 -12.70 -4.28
CA HIS A 186 -10.02 -13.19 -3.14
C HIS A 186 -8.88 -14.07 -3.58
N MET A 187 -9.01 -14.67 -4.77
CA MET A 187 -7.94 -15.48 -5.29
C MET A 187 -6.78 -14.74 -5.84
N TYR A 188 -6.92 -13.43 -6.11
CA TYR A 188 -5.78 -12.66 -6.67
C TYR A 188 -5.46 -11.31 -6.02
N ALA A 189 -6.40 -10.66 -5.36
CA ALA A 189 -6.19 -9.28 -4.93
C ALA A 189 -5.89 -9.12 -3.47
N SER A 190 -5.78 -10.21 -2.73
CA SER A 190 -5.63 -10.08 -1.28
CA SER A 190 -5.60 -10.12 -1.28
C SER A 190 -4.36 -9.31 -0.88
N GLN A 191 -3.20 -9.65 -1.46
CA GLN A 191 -1.95 -8.96 -1.08
C GLN A 191 -1.87 -7.54 -1.58
N TRP A 192 -2.64 -7.23 -2.64
CA TRP A 192 -2.72 -5.87 -3.14
C TRP A 192 -3.26 -4.97 -2.01
N PHE A 193 -4.36 -5.38 -1.40
N PHE A 193 -4.32 -5.44 -1.39
CA PHE A 193 -5.00 -4.62 -0.37
CA PHE A 193 -5.00 -4.65 -0.42
C PHE A 193 -4.25 -4.70 0.95
C PHE A 193 -4.36 -4.72 0.97
N LEU A 194 -4.00 -5.91 1.41
CA LEU A 194 -3.43 -6.11 2.74
C LEU A 194 -1.99 -5.63 2.90
N THR A 195 -1.23 -5.51 1.81
CA THR A 195 0.14 -5.02 1.85
C THR A 195 0.37 -3.75 1.04
N LEU A 196 -0.69 -3.19 0.46
CA LEU A 196 -0.60 -2.05 -0.41
C LEU A 196 0.40 -2.26 -1.53
N PHE A 197 0.39 -3.44 -2.11
CA PHE A 197 1.31 -3.90 -3.22
C PHE A 197 2.80 -4.15 -2.79
N THR A 198 3.16 -3.90 -1.51
CA THR A 198 4.56 -3.87 -1.14
C THR A 198 5.16 -5.24 -1.21
N ALA A 199 4.32 -6.26 -1.07
CA ALA A 199 4.77 -7.63 -0.98
C ALA A 199 5.00 -8.31 -2.30
N LYS A 200 4.46 -7.88 -3.43
CA LYS A 200 4.87 -8.55 -4.69
CA LYS A 200 4.79 -8.53 -4.73
C LYS A 200 5.41 -7.66 -5.80
N PHE A 201 5.15 -6.35 -5.79
CA PHE A 201 5.57 -5.51 -6.91
C PHE A 201 6.95 -4.83 -6.79
N PRO A 202 7.53 -4.42 -7.92
CA PRO A 202 8.87 -3.89 -7.87
C PRO A 202 8.92 -2.58 -7.11
N LEU A 203 10.00 -2.36 -6.40
CA LEU A 203 10.12 -1.17 -5.48
C LEU A 203 9.84 0.15 -6.19
N TYR A 204 10.32 0.30 -7.41
CA TYR A 204 10.14 1.59 -8.12
C TYR A 204 8.70 1.91 -8.19
N MET A 205 7.89 0.98 -8.61
CA MET A 205 6.47 1.26 -8.68
CA MET A 205 6.43 1.13 -8.70
C MET A 205 5.80 1.31 -7.30
N VAL A 206 6.19 0.44 -6.37
CA VAL A 206 5.66 0.50 -5.02
C VAL A 206 5.85 1.91 -4.38
N PHE A 207 7.00 2.52 -4.60
CA PHE A 207 7.25 3.85 -3.98
C PHE A 207 6.28 4.86 -4.52
N HIS A 208 5.98 4.75 -5.84
CA HIS A 208 4.99 5.67 -6.44
C HIS A 208 3.60 5.44 -5.88
N ILE A 209 3.26 4.18 -5.65
CA ILE A 209 1.98 3.84 -5.00
C ILE A 209 1.89 4.49 -3.63
N ILE A 210 2.94 4.39 -2.81
CA ILE A 210 2.88 4.99 -1.45
C ILE A 210 2.74 6.51 -1.56
N ASP A 211 3.44 7.11 -2.53
CA ASP A 211 3.36 8.55 -2.75
C ASP A 211 1.84 8.90 -2.90
N LEU A 212 1.14 8.16 -3.78
CA LEU A 212 -0.27 8.44 -4.11
C LEU A 212 -1.15 8.09 -2.93
N LEU A 213 -0.88 6.97 -2.27
CA LEU A 213 -1.68 6.57 -1.13
C LEU A 213 -1.60 7.52 0.06
N LEU A 214 -0.39 7.94 0.42
CA LEU A 214 -0.25 8.96 1.48
C LEU A 214 -0.92 10.30 1.15
N CYS A 215 -0.96 10.69 -0.13
CA CYS A 215 -1.55 11.96 -0.53
C CYS A 215 -3.08 11.86 -0.60
N GLU A 216 -3.56 10.80 -1.24
CA GLU A 216 -5.00 10.72 -1.57
C GLU A 216 -5.81 9.80 -0.72
N GLY A 217 -5.17 8.91 0.00
CA GLY A 217 -5.83 7.93 0.85
C GLY A 217 -5.74 6.48 0.38
N ILE A 218 -6.17 5.58 1.26
CA ILE A 218 -6.10 4.15 1.01
C ILE A 218 -6.97 3.69 -0.16
N SER A 219 -7.93 4.50 -0.59
CA SER A 219 -8.76 4.13 -1.72
CA SER A 219 -8.75 4.12 -1.75
C SER A 219 -7.97 4.05 -3.03
N VAL A 220 -6.77 4.61 -3.09
N VAL A 220 -6.76 4.62 -3.03
CA VAL A 220 -6.01 4.47 -4.34
CA VAL A 220 -5.78 4.49 -4.15
C VAL A 220 -5.65 3.02 -4.69
C VAL A 220 -5.57 3.05 -4.63
N ILE A 221 -5.75 2.08 -3.75
CA ILE A 221 -5.52 0.69 -4.08
C ILE A 221 -6.55 0.24 -5.16
N PHE A 222 -7.76 0.78 -5.12
CA PHE A 222 -8.73 0.47 -6.16
C PHE A 222 -8.29 0.98 -7.52
N ASN A 223 -7.79 2.21 -7.55
CA ASN A 223 -7.33 2.80 -8.79
CA ASN A 223 -7.36 2.82 -8.80
C ASN A 223 -6.22 2.01 -9.40
N VAL A 224 -5.25 1.60 -8.56
CA VAL A 224 -4.12 0.82 -9.07
C VAL A 224 -4.58 -0.59 -9.52
N ALA A 225 -5.45 -1.21 -8.73
CA ALA A 225 -6.03 -2.51 -9.07
C ALA A 225 -6.71 -2.49 -10.45
N LEU A 226 -7.48 -1.46 -10.69
CA LEU A 226 -8.22 -1.31 -11.96
C LEU A 226 -7.25 -1.02 -13.08
N GLY A 227 -6.25 -0.21 -12.80
CA GLY A 227 -5.23 0.06 -13.83
C GLY A 227 -4.48 -1.22 -14.20
N LEU A 228 -4.07 -1.99 -13.22
CA LEU A 228 -3.38 -3.24 -13.51
C LEU A 228 -4.27 -4.23 -14.39
N LEU A 229 -5.47 -4.45 -13.92
CA LEU A 229 -6.46 -5.33 -14.63
C LEU A 229 -6.78 -4.84 -16.03
N LYS A 230 -6.88 -3.53 -16.22
CA LYS A 230 -7.23 -3.00 -17.56
C LYS A 230 -6.03 -3.12 -18.47
N THR A 231 -4.83 -2.86 -17.93
CA THR A 231 -3.62 -2.94 -18.73
C THR A 231 -3.29 -4.36 -19.23
N SER A 232 -3.54 -5.38 -18.39
CA SER A 232 -3.22 -6.74 -18.71
C SER A 232 -4.46 -7.57 -19.10
N LYS A 233 -5.60 -6.93 -19.36
CA LYS A 233 -6.81 -7.74 -19.50
C LYS A 233 -6.71 -8.70 -20.69
N ASP A 234 -6.00 -8.31 -21.75
CA ASP A 234 -5.92 -9.16 -22.94
C ASP A 234 -5.02 -10.40 -22.71
N ASP A 235 -4.26 -10.39 -21.63
CA ASP A 235 -3.49 -11.58 -21.23
C ASP A 235 -4.28 -12.43 -20.22
N LEU A 236 -5.50 -12.00 -19.90
CA LEU A 236 -6.35 -12.64 -18.91
C LEU A 236 -7.66 -13.16 -19.51
N LEU A 237 -8.17 -12.45 -20.52
CA LEU A 237 -9.48 -12.73 -21.09
C LEU A 237 -9.68 -14.11 -21.72
N LEU A 238 -8.59 -14.70 -22.26
CA LEU A 238 -8.68 -15.97 -22.93
C LEU A 238 -8.05 -17.09 -22.09
N THR A 239 -7.61 -16.79 -20.87
CA THR A 239 -6.98 -17.79 -19.98
C THR A 239 -8.01 -18.61 -19.24
N ASP A 240 -7.62 -19.80 -18.84
CA ASP A 240 -8.45 -20.60 -17.94
C ASP A 240 -8.05 -20.26 -16.51
N PHE A 241 -8.70 -20.89 -15.52
CA PHE A 241 -8.45 -20.58 -14.11
C PHE A 241 -6.96 -20.63 -13.73
N GLU A 242 -6.31 -21.74 -14.10
CA GLU A 242 -4.92 -21.96 -13.78
C GLU A 242 -4.06 -20.92 -14.53
N GLY A 243 -4.40 -20.64 -15.76
CA GLY A 243 -3.67 -19.69 -16.54
C GLY A 243 -3.70 -18.28 -15.90
N ALA A 244 -4.90 -17.89 -15.48
CA ALA A 244 -5.09 -16.55 -14.88
C ALA A 244 -4.19 -16.45 -13.65
N LEU A 245 -4.19 -17.50 -12.84
CA LEU A 245 -3.41 -17.46 -11.57
C LEU A 245 -1.95 -17.39 -11.80
N LYS A 246 -1.50 -18.13 -12.80
CA LYS A 246 -0.10 -18.11 -13.17
C LYS A 246 0.33 -16.71 -13.63
N PHE A 247 -0.53 -16.05 -14.41
CA PHE A 247 -0.26 -14.68 -14.88
C PHE A 247 -0.13 -13.74 -13.71
N PHE A 248 -1.05 -13.82 -12.77
CA PHE A 248 -1.04 -12.92 -11.64
C PHE A 248 0.23 -13.21 -10.82
N ARG A 249 0.67 -14.45 -10.72
CA ARG A 249 1.78 -14.79 -9.82
CA ARG A 249 1.80 -14.84 -9.84
C ARG A 249 3.16 -14.42 -10.40
N VAL A 250 3.37 -14.70 -11.67
CA VAL A 250 4.67 -14.50 -12.32
C VAL A 250 4.72 -13.32 -13.30
N GLN A 251 3.87 -13.31 -14.34
CA GLN A 251 4.08 -12.33 -15.42
C GLN A 251 3.71 -10.94 -14.92
N LEU A 252 2.67 -10.83 -14.12
CA LEU A 252 2.15 -9.49 -13.84
C LEU A 252 3.16 -8.58 -13.14
N PRO A 253 3.72 -9.00 -11.98
CA PRO A 253 4.81 -8.21 -11.41
C PRO A 253 6.06 -8.05 -12.31
N LYS A 254 6.38 -9.02 -13.15
CA LYS A 254 7.54 -8.89 -14.02
C LYS A 254 7.39 -7.75 -15.03
N ARG A 255 6.17 -7.52 -15.53
CA ARG A 255 5.93 -6.40 -16.44
C ARG A 255 6.40 -5.05 -15.87
N TYR A 256 6.27 -4.89 -14.55
CA TYR A 256 6.51 -3.59 -13.93
C TYR A 256 7.94 -3.37 -13.45
N ARG A 257 8.80 -4.31 -13.81
CA ARG A 257 10.23 -4.10 -13.63
C ARG A 257 10.63 -2.92 -14.50
N SER A 258 10.01 -2.75 -15.66
CA SER A 258 10.24 -1.60 -16.53
C SER A 258 9.67 -0.33 -15.92
N GLU A 259 10.51 0.72 -15.80
CA GLU A 259 10.09 2.03 -15.27
C GLU A 259 9.06 2.70 -16.16
N GLU A 260 9.22 2.52 -17.45
CA GLU A 260 8.27 3.10 -18.38
CA GLU A 260 8.24 3.10 -18.39
C GLU A 260 6.89 2.45 -18.20
N ASN A 261 6.83 1.13 -18.05
CA ASN A 261 5.55 0.45 -17.83
C ASN A 261 4.88 0.88 -16.54
N ALA A 262 5.71 1.08 -15.52
CA ALA A 262 5.23 1.51 -14.22
C ALA A 262 4.69 2.95 -14.22
N LYS A 263 5.36 3.84 -14.93
CA LYS A 263 4.91 5.20 -15.09
C LYS A 263 3.61 5.26 -15.83
N LYS A 264 3.45 4.49 -16.91
CA LYS A 264 2.16 4.54 -17.66
C LYS A 264 1.05 3.92 -16.84
N LEU A 265 1.40 2.92 -16.02
CA LEU A 265 0.41 2.35 -15.13
C LEU A 265 -0.11 3.31 -14.07
N MET A 266 0.77 4.11 -13.45
CA MET A 266 0.31 5.02 -12.39
CA MET A 266 0.36 5.07 -12.41
C MET A 266 -0.48 6.19 -13.01
N GLU A 267 -0.10 6.64 -14.17
CA GLU A 267 -0.87 7.58 -14.95
CA GLU A 267 -0.92 7.64 -14.86
C GLU A 267 -2.32 7.07 -15.17
N LEU A 268 -2.44 5.82 -15.63
CA LEU A 268 -3.78 5.26 -15.90
C LEU A 268 -4.55 5.11 -14.61
N ALA A 269 -3.89 4.64 -13.55
CA ALA A 269 -4.53 4.55 -12.25
C ALA A 269 -5.10 5.89 -11.80
N CYS A 270 -4.33 6.96 -11.93
CA CYS A 270 -4.85 8.27 -11.56
C CYS A 270 -6.01 8.70 -12.46
N ASN A 271 -5.91 8.37 -13.74
CA ASN A 271 -6.98 8.69 -14.68
C ASN A 271 -8.25 7.87 -14.41
N MET A 272 -8.07 6.60 -14.02
CA MET A 272 -9.19 5.69 -13.62
C MET A 272 -9.66 5.94 -12.20
N LYS A 273 -9.29 7.09 -11.59
CA LYS A 273 -9.74 7.49 -10.23
C LYS A 273 -11.25 7.18 -9.96
N ILE A 274 -11.56 6.57 -8.80
CA ILE A 274 -12.94 6.27 -8.34
CA ILE A 274 -12.94 6.28 -8.33
C ILE A 274 -13.41 7.18 -7.17
N SER A 275 -14.59 7.76 -7.26
CA SER A 275 -15.08 8.67 -6.25
C SER A 275 -15.41 8.00 -4.93
N GLN A 276 -15.21 8.76 -3.85
CA GLN A 276 -15.69 8.33 -2.53
C GLN A 276 -17.19 8.02 -2.50
N LYS A 277 -17.99 8.79 -3.24
CA LYS A 277 -19.40 8.55 -3.30
C LYS A 277 -19.74 7.17 -3.85
N LYS A 278 -19.10 6.82 -4.96
CA LYS A 278 -19.27 5.53 -5.58
C LYS A 278 -18.79 4.37 -4.67
N LEU A 279 -17.64 4.55 -4.02
CA LEU A 279 -17.13 3.49 -3.16
C LEU A 279 -18.12 3.27 -1.98
N LYS A 280 -18.62 4.37 -1.41
CA LYS A 280 -19.53 4.28 -0.26
C LYS A 280 -20.82 3.63 -0.67
N LYS A 281 -21.33 3.92 -1.87
CA LYS A 281 -22.49 3.17 -2.39
C LYS A 281 -22.29 1.68 -2.41
N TYR A 282 -21.13 1.25 -2.88
CA TYR A 282 -20.90 -0.19 -3.03
C TYR A 282 -20.68 -0.83 -1.65
N GLU A 283 -20.09 -0.07 -0.74
CA GLU A 283 -19.87 -0.50 0.67
C GLU A 283 -21.24 -0.74 1.36
N LYS A 284 -22.13 0.24 1.19
CA LYS A 284 -23.53 0.10 1.66
C LYS A 284 -24.25 -1.11 1.08
N GLU A 285 -24.12 -1.36 -0.23
CA GLU A 285 -24.70 -2.55 -0.92
C GLU A 285 -24.22 -3.88 -0.29
N TYR A 286 -22.89 -3.95 -0.02
CA TYR A 286 -22.25 -5.11 0.56
C TYR A 286 -22.81 -5.32 1.98
N HIS A 287 -22.88 -4.27 2.76
CA HIS A 287 -23.37 -4.35 4.14
C HIS A 287 -24.82 -4.80 4.13
N THR A 288 -25.66 -4.22 3.26
CA THR A 288 -27.06 -4.69 3.17
C THR A 288 -27.19 -6.19 2.84
N MET A 289 -26.43 -6.64 1.86
CA MET A 289 -26.34 -8.04 1.48
C MET A 289 -25.92 -8.96 2.63
N ARG A 290 -24.87 -8.56 3.35
CA ARG A 290 -24.41 -9.35 4.47
C ARG A 290 -25.45 -9.48 5.57
N GLU A 291 -26.18 -8.38 5.82
CA GLU A 291 -27.25 -8.35 6.82
C GLU A 291 -28.37 -9.32 6.40
N GLN A 292 -28.74 -9.35 5.13
CA GLN A 292 -29.79 -10.34 4.72
C GLN A 292 -29.32 -11.76 5.07
N GLN A 293 -28.24 -12.21 4.45
CA GLN A 293 -27.73 -13.55 4.71
C GLN A 293 -27.40 -13.86 6.19
N ALA A 294 -27.25 -12.83 7.03
CA ALA A 294 -27.04 -13.05 8.46
C ALA A 294 -28.37 -13.35 9.14
#